data_4UVP
#
_entry.id   4UVP
#
_cell.length_a   91.160
_cell.length_b   97.700
_cell.length_c   118.690
_cell.angle_alpha   90.00
_cell.angle_beta   90.00
_cell.angle_gamma   90.00
#
_symmetry.space_group_name_H-M   'C 2 2 21'
#
loop_
_entity.id
_entity.type
_entity.pdbx_description
1 polymer TANKYRASE-2
2 polymer TANKYRASE-2
3 non-polymer 'ZINC ION'
4 non-polymer 'SULFATE ION'
5 non-polymer DI(HYDROXYETHYL)ETHER
6 non-polymer 5-amino-3-ethylisoquinolin-1(2H)-one
7 non-polymer GLYCEROL
8 water water
#
loop_
_entity_poly.entity_id
_entity_poly.type
_entity_poly.pdbx_seq_one_letter_code
_entity_poly.pdbx_strand_id
1 'polypeptide(L)'
;MHHHHHHSSGVDLGTENLYFQSMLNTSGSGTILIDLSPDDKEFQSVEEEMQSTVREHRDGGHAGGIFNRYNILKIQKVCN
KKLWERYTHRRKEVSEENHNHANERMLFHGSPFVNAIIHKGFDERHAYIGGMFGAGIYFAENSSKSNQYVYGIGGGTGCP
VHKDRSCYICHRQLLFCRVTLGKSFLQFSAM
;
A,C
2 'polypeptide(L)' MAHSPPGHHSVTGRPSVNGLALAEYVIYRGEQAYPEYLITYQIMRPEG B,D
#
loop_
_chem_comp.id
_chem_comp.type
_chem_comp.name
_chem_comp.formula
GOL non-polymer GLYCEROL 'C3 H8 O3'
NGJ non-polymer 5-amino-3-ethylisoquinolin-1(2H)-one 'C11 H12 N2 O'
PEG non-polymer DI(HYDROXYETHYL)ETHER 'C4 H10 O3'
SO4 non-polymer 'SULFATE ION' 'O4 S -2'
ZN non-polymer 'ZINC ION' 'Zn 2'
#
# COMPACT_ATOMS: atom_id res chain seq x y z
N GLY A 30 -11.26 24.98 -25.50
CA GLY A 30 -12.70 24.79 -25.85
C GLY A 30 -13.58 24.37 -24.67
N THR A 31 -13.06 24.45 -23.45
CA THR A 31 -13.84 24.02 -22.31
C THR A 31 -14.68 25.17 -21.78
N ILE A 32 -15.95 24.91 -21.53
CA ILE A 32 -16.70 25.80 -20.70
C ILE A 32 -17.22 25.04 -19.47
N LEU A 33 -17.35 25.79 -18.39
CA LEU A 33 -17.83 25.27 -17.10
C LEU A 33 -19.17 25.86 -16.77
N ILE A 34 -20.15 24.98 -16.60
CA ILE A 34 -21.50 25.39 -16.24
C ILE A 34 -21.78 25.07 -14.79
N ASP A 35 -22.10 26.12 -14.03
CA ASP A 35 -22.41 25.97 -12.61
CA ASP A 35 -22.46 25.97 -12.61
C ASP A 35 -23.78 25.28 -12.46
N LEU A 36 -23.84 24.26 -11.61
CA LEU A 36 -25.10 23.64 -11.28
C LEU A 36 -25.68 24.32 -10.05
N SER A 37 -26.99 24.48 -10.07
CA SER A 37 -27.69 24.95 -8.89
C SER A 37 -27.79 23.84 -7.85
N PRO A 38 -27.66 24.17 -6.56
CA PRO A 38 -27.90 23.19 -5.51
C PRO A 38 -29.29 22.61 -5.51
N ASP A 39 -30.24 23.29 -6.17
CA ASP A 39 -31.61 22.80 -6.35
C ASP A 39 -31.74 21.76 -7.45
N ASP A 40 -30.71 21.61 -8.27
CA ASP A 40 -30.73 20.76 -9.45
C ASP A 40 -30.50 19.32 -8.99
N LYS A 41 -31.32 18.39 -9.44
CA LYS A 41 -31.12 16.97 -9.08
C LYS A 41 -29.70 16.45 -9.39
N GLU A 42 -29.10 16.98 -10.44
CA GLU A 42 -27.77 16.60 -10.83
C GLU A 42 -26.73 17.03 -9.78
N PHE A 43 -26.85 18.26 -9.25
CA PHE A 43 -25.98 18.72 -8.18
C PHE A 43 -26.15 17.79 -7.00
N GLN A 44 -27.39 17.48 -6.66
CA GLN A 44 -27.67 16.72 -5.46
C GLN A 44 -27.13 15.28 -5.56
N SER A 45 -27.25 14.66 -6.72
CA SER A 45 -26.77 13.27 -6.88
C SER A 45 -25.23 13.16 -6.87
N VAL A 46 -24.56 14.15 -7.45
CA VAL A 46 -23.09 14.28 -7.41
C VAL A 46 -22.62 14.56 -5.99
N GLU A 47 -23.25 15.51 -5.28
CA GLU A 47 -22.90 15.69 -3.86
C GLU A 47 -23.08 14.43 -3.03
N GLU A 48 -24.18 13.72 -3.23
CA GLU A 48 -24.41 12.50 -2.42
C GLU A 48 -23.31 11.46 -2.69
N GLU A 49 -22.87 11.34 -3.94
CA GLU A 49 -21.78 10.41 -4.20
C GLU A 49 -20.49 10.85 -3.52
N MET A 50 -20.21 12.15 -3.51
CA MET A 50 -19.03 12.68 -2.79
C MET A 50 -19.11 12.34 -1.31
N GLN A 51 -20.26 12.62 -0.70
CA GLN A 51 -20.35 12.55 0.76
C GLN A 51 -20.43 11.12 1.21
N SER A 52 -21.16 10.30 0.46
CA SER A 52 -21.47 8.95 0.90
C SER A 52 -20.29 7.99 0.72
N THR A 53 -19.28 8.42 -0.01
CA THR A 53 -18.08 7.57 -0.24
C THR A 53 -16.86 8.04 0.52
N VAL A 54 -17.03 8.94 1.48
CA VAL A 54 -15.98 9.20 2.48
C VAL A 54 -15.76 7.98 3.40
N ARG A 55 -14.52 7.63 3.62
CA ARG A 55 -14.17 6.64 4.64
C ARG A 55 -12.99 7.09 5.44
N GLU A 56 -12.71 6.37 6.54
CA GLU A 56 -11.48 6.54 7.28
C GLU A 56 -10.31 5.86 6.50
N HIS A 57 -9.12 6.43 6.64
CA HIS A 57 -7.92 5.99 5.93
C HIS A 57 -6.90 5.52 6.92
N ARG A 58 -6.07 4.57 6.48
CA ARG A 58 -5.14 3.86 7.38
C ARG A 58 -4.02 4.73 7.87
N ASP A 59 -3.84 5.87 7.21
CA ASP A 59 -2.89 6.87 7.61
C ASP A 59 -3.34 7.85 8.71
N GLY A 60 -4.54 7.64 9.24
CA GLY A 60 -5.11 8.47 10.31
C GLY A 60 -5.40 9.90 9.87
N GLY A 61 -5.43 10.12 8.56
CA GLY A 61 -5.59 11.45 7.98
C GLY A 61 -4.34 12.15 7.52
N HIS A 62 -3.19 11.47 7.59
CA HIS A 62 -1.95 12.11 7.25
C HIS A 62 -1.97 12.80 5.85
N ALA A 63 -2.38 12.07 4.83
CA ALA A 63 -2.31 12.57 3.46
C ALA A 63 -3.43 13.52 3.18
N GLY A 64 -4.65 13.16 3.53
CA GLY A 64 -5.84 13.91 3.11
C GLY A 64 -6.49 14.80 4.12
N GLY A 65 -6.10 14.70 5.38
CA GLY A 65 -6.78 15.40 6.43
C GLY A 65 -7.76 14.58 7.24
N ILE A 66 -8.19 15.15 8.38
CA ILE A 66 -9.10 14.49 9.28
C ILE A 66 -10.49 15.07 9.08
N PHE A 67 -11.41 14.23 8.59
CA PHE A 67 -12.78 14.66 8.30
C PHE A 67 -13.71 13.46 8.08
N ASN A 68 -15.00 13.69 8.26
CA ASN A 68 -16.01 12.71 8.01
C ASN A 68 -16.90 13.12 6.86
N ARG A 69 -16.85 14.41 6.49
CA ARG A 69 -17.72 14.96 5.47
C ARG A 69 -17.13 16.24 4.88
N TYR A 70 -17.73 16.68 3.78
CA TYR A 70 -17.30 17.88 3.09
C TYR A 70 -18.33 19.01 3.15
N ASN A 71 -17.81 20.22 3.01
CA ASN A 71 -18.63 21.39 2.62
C ASN A 71 -18.50 21.59 1.11
N ILE A 72 -19.51 21.24 0.33
CA ILE A 72 -19.43 21.42 -1.10
C ILE A 72 -19.71 22.89 -1.39
N LEU A 73 -18.82 23.52 -2.14
CA LEU A 73 -18.94 24.95 -2.39
C LEU A 73 -19.50 25.19 -3.81
N LYS A 74 -19.15 24.34 -4.75
CA LYS A 74 -19.56 24.48 -6.15
C LYS A 74 -19.46 23.12 -6.90
N ILE A 75 -20.38 22.86 -7.82
CA ILE A 75 -20.25 21.75 -8.75
C ILE A 75 -20.46 22.29 -10.12
N GLN A 76 -19.45 22.17 -10.97
CA GLN A 76 -19.52 22.62 -12.35
C GLN A 76 -19.50 21.45 -13.33
N LYS A 77 -20.38 21.50 -14.32
CA LYS A 77 -20.32 20.58 -15.43
C LYS A 77 -19.23 21.01 -16.42
N VAL A 78 -18.35 20.08 -16.77
CA VAL A 78 -17.27 20.34 -17.70
C VAL A 78 -17.72 20.00 -19.12
N CYS A 79 -17.70 21.00 -20.00
CA CYS A 79 -18.26 20.83 -21.36
C CYS A 79 -17.20 21.12 -22.37
N ASN A 80 -16.74 20.08 -23.06
CA ASN A 80 -15.76 20.24 -24.12
C ASN A 80 -16.05 19.25 -25.22
N LYS A 81 -16.43 19.75 -26.38
CA LYS A 81 -16.83 18.87 -27.48
C LYS A 81 -15.71 17.95 -27.96
N LYS A 82 -14.51 18.51 -28.14
CA LYS A 82 -13.38 17.76 -28.63
C LYS A 82 -13.05 16.61 -27.67
N LEU A 83 -13.00 16.92 -26.38
CA LEU A 83 -12.63 15.94 -25.39
C LEU A 83 -13.72 14.88 -25.26
N TRP A 84 -14.98 15.29 -25.40
CA TRP A 84 -16.09 14.37 -25.26
C TRP A 84 -16.09 13.39 -26.42
N GLU A 85 -15.79 13.88 -27.60
CA GLU A 85 -15.76 13.07 -28.79
C GLU A 85 -14.58 12.08 -28.79
N ARG A 86 -13.43 12.54 -28.28
CA ARG A 86 -12.26 11.72 -28.01
CA ARG A 86 -12.27 11.70 -28.05
C ARG A 86 -12.66 10.57 -27.08
N TYR A 87 -13.36 10.90 -25.99
CA TYR A 87 -13.85 9.87 -25.07
C TYR A 87 -14.82 8.87 -25.73
N THR A 88 -15.84 9.36 -26.42
CA THR A 88 -16.85 8.46 -26.98
C THR A 88 -16.30 7.58 -28.11
N HIS A 89 -15.28 8.09 -28.81
CA HIS A 89 -14.62 7.31 -29.87
C HIS A 89 -13.90 6.11 -29.26
N ARG A 90 -13.15 6.37 -28.20
CA ARG A 90 -12.42 5.29 -27.52
C ARG A 90 -13.42 4.33 -26.84
N ARG A 91 -14.51 4.85 -26.30
CA ARG A 91 -15.50 4.04 -25.63
C ARG A 91 -16.12 3.02 -26.60
N LYS A 92 -16.36 3.47 -27.83
CA LYS A 92 -16.90 2.55 -28.85
C LYS A 92 -15.86 1.50 -29.25
N GLU A 93 -14.60 1.86 -29.38
CA GLU A 93 -13.56 0.87 -29.61
C GLU A 93 -13.53 -0.22 -28.55
N VAL A 94 -13.57 0.18 -27.28
CA VAL A 94 -13.53 -0.76 -26.17
C VAL A 94 -14.76 -1.63 -26.17
N SER A 95 -15.93 -0.99 -26.32
CA SER A 95 -17.21 -1.68 -26.31
C SER A 95 -17.22 -2.78 -27.37
N GLU A 96 -16.75 -2.43 -28.57
CA GLU A 96 -16.69 -3.42 -29.64
C GLU A 96 -15.71 -4.58 -29.38
N GLU A 97 -14.69 -4.37 -28.54
CA GLU A 97 -13.74 -5.43 -28.17
C GLU A 97 -14.26 -6.25 -26.94
N ASN A 98 -15.43 -5.91 -26.43
CA ASN A 98 -15.92 -6.49 -25.15
C ASN A 98 -17.42 -6.68 -25.20
N HIS A 99 -17.87 -7.42 -26.21
CA HIS A 99 -19.30 -7.75 -26.40
C HIS A 99 -20.24 -6.58 -26.15
N ASN A 100 -19.89 -5.44 -26.74
CA ASN A 100 -20.76 -4.24 -26.70
C ASN A 100 -21.01 -3.74 -25.26
N HIS A 101 -19.97 -3.84 -24.45
CA HIS A 101 -20.01 -3.43 -23.05
C HIS A 101 -18.79 -2.59 -22.72
N ALA A 102 -18.98 -1.28 -22.60
CA ALA A 102 -17.89 -0.37 -22.23
C ALA A 102 -17.48 -0.50 -20.77
N ASN A 103 -18.38 -1.02 -19.93
CA ASN A 103 -18.15 -1.13 -18.48
C ASN A 103 -17.79 0.25 -17.94
N GLU A 104 -18.70 1.21 -18.16
CA GLU A 104 -18.50 2.59 -17.80
C GLU A 104 -18.89 2.86 -16.37
N ARG A 105 -18.00 3.56 -15.67
CA ARG A 105 -18.21 3.92 -14.27
C ARG A 105 -18.07 5.45 -14.09
N MET A 106 -18.61 5.97 -12.99
CA MET A 106 -18.35 7.33 -12.54
C MET A 106 -17.47 7.25 -11.31
N LEU A 107 -16.28 7.85 -11.42
CA LEU A 107 -15.24 7.67 -10.40
C LEU A 107 -14.55 9.00 -10.13
N PHE A 108 -13.94 9.11 -8.97
CA PHE A 108 -13.25 10.34 -8.60
C PHE A 108 -11.80 10.31 -9.00
N HIS A 109 -11.29 11.52 -9.27
CA HIS A 109 -9.89 11.75 -9.55
C HIS A 109 -9.42 13.02 -8.86
N GLY A 110 -8.38 12.90 -8.04
CA GLY A 110 -7.74 14.06 -7.39
C GLY A 110 -6.32 14.27 -7.87
N SER A 111 -5.92 15.53 -8.06
CA SER A 111 -4.62 15.84 -8.59
C SER A 111 -4.39 17.34 -8.46
N PRO A 112 -3.13 17.77 -8.32
CA PRO A 112 -2.88 19.19 -8.44
C PRO A 112 -3.10 19.77 -9.83
N PHE A 113 -3.31 18.91 -10.81
CA PHE A 113 -3.40 19.32 -12.21
C PHE A 113 -4.81 19.25 -12.79
N VAL A 114 -5.81 19.33 -11.92
CA VAL A 114 -7.23 19.33 -12.30
CA VAL A 114 -7.21 19.27 -12.37
C VAL A 114 -7.51 20.42 -13.34
N ASN A 115 -6.92 21.59 -13.16
CA ASN A 115 -7.09 22.67 -14.15
C ASN A 115 -6.58 22.33 -15.54
N ALA A 116 -5.43 21.66 -15.68
CA ALA A 116 -4.98 21.19 -16.99
C ALA A 116 -5.87 20.09 -17.57
N ILE A 117 -6.33 19.22 -16.69
CA ILE A 117 -7.17 18.13 -17.16
C ILE A 117 -8.47 18.62 -17.76
N ILE A 118 -9.10 19.61 -17.15
CA ILE A 118 -10.40 19.99 -17.66
C ILE A 118 -10.26 20.75 -19.00
N HIS A 119 -9.10 21.36 -19.24
CA HIS A 119 -8.87 22.09 -20.48
C HIS A 119 -8.29 21.24 -21.61
N LYS A 120 -7.42 20.29 -21.27
CA LYS A 120 -6.69 19.53 -22.28
C LYS A 120 -6.91 18.03 -22.25
N GLY A 121 -7.67 17.55 -21.27
CA GLY A 121 -7.97 16.14 -21.15
C GLY A 121 -6.96 15.35 -20.34
N PHE A 122 -7.28 14.09 -20.08
CA PHE A 122 -6.28 13.20 -19.47
C PHE A 122 -5.24 12.75 -20.51
N ASP A 123 -3.99 12.64 -20.09
CA ASP A 123 -2.94 12.09 -20.93
C ASP A 123 -1.79 11.57 -20.06
N GLU A 124 -0.71 11.11 -20.70
CA GLU A 124 0.45 10.51 -19.99
C GLU A 124 1.08 11.36 -18.89
N ARG A 125 0.95 12.68 -18.98
CA ARG A 125 1.39 13.55 -17.89
C ARG A 125 0.62 13.37 -16.59
N HIS A 126 -0.58 12.77 -16.64
CA HIS A 126 -1.38 12.59 -15.44
C HIS A 126 -1.24 11.20 -14.83
N ALA A 127 -0.32 10.42 -15.40
CA ALA A 127 -0.04 9.06 -14.96
C ALA A 127 0.77 9.08 -13.69
N TYR A 128 0.45 8.14 -12.81
CA TYR A 128 1.10 8.01 -11.53
C TYR A 128 2.20 6.94 -11.71
N ILE A 129 3.42 7.41 -11.99
CA ILE A 129 4.51 6.51 -12.35
C ILE A 129 4.78 5.50 -11.25
N GLY A 130 4.65 5.93 -10.00
CA GLY A 130 4.90 5.06 -8.85
C GLY A 130 3.72 4.31 -8.28
N GLY A 131 2.60 4.24 -9.02
CA GLY A 131 1.41 3.62 -8.47
C GLY A 131 1.56 2.10 -8.32
N MET A 132 0.74 1.52 -7.46
CA MET A 132 0.75 0.07 -7.15
C MET A 132 0.51 -0.78 -8.39
N PHE A 133 -0.17 -0.21 -9.38
CA PHE A 133 -0.53 -0.95 -10.58
C PHE A 133 0.15 -0.40 -11.81
N GLY A 134 1.29 0.26 -11.61
CA GLY A 134 2.12 0.71 -12.69
C GLY A 134 1.67 2.07 -13.17
N ALA A 135 2.32 2.55 -14.23
CA ALA A 135 2.23 3.95 -14.65
C ALA A 135 0.96 4.14 -15.47
N GLY A 136 -0.14 4.40 -14.77
CA GLY A 136 -1.43 4.68 -15.39
C GLY A 136 -2.12 5.84 -14.70
N ILE A 137 -3.36 6.09 -15.12
CA ILE A 137 -4.14 7.13 -14.52
C ILE A 137 -5.12 6.49 -13.56
N TYR A 138 -5.10 6.96 -12.31
CA TYR A 138 -5.77 6.29 -11.23
C TYR A 138 -7.06 7.00 -10.86
N PHE A 139 -8.09 6.21 -10.58
CA PHE A 139 -9.41 6.69 -10.14
C PHE A 139 -9.90 5.92 -8.92
N ALA A 140 -10.78 6.52 -8.14
CA ALA A 140 -11.26 5.91 -6.91
C ALA A 140 -12.75 5.92 -6.79
N GLU A 141 -13.32 4.87 -6.24
CA GLU A 141 -14.71 4.90 -5.73
C GLU A 141 -14.89 5.77 -4.53
N ASN A 142 -13.92 5.75 -3.61
CA ASN A 142 -13.97 6.59 -2.40
C ASN A 142 -13.48 8.00 -2.73
N SER A 143 -14.36 9.00 -2.63
CA SER A 143 -13.95 10.34 -2.82
C SER A 143 -12.79 10.74 -1.87
N SER A 144 -12.80 10.17 -0.65
CA SER A 144 -11.75 10.48 0.29
C SER A 144 -10.37 9.90 -0.11
N LYS A 145 -10.34 8.84 -0.88
CA LYS A 145 -9.10 8.38 -1.51
C LYS A 145 -8.57 9.42 -2.52
N SER A 146 -9.42 9.91 -3.43
CA SER A 146 -8.96 10.96 -4.36
C SER A 146 -8.54 12.24 -3.63
N ASN A 147 -9.19 12.55 -2.51
CA ASN A 147 -8.86 13.72 -1.72
C ASN A 147 -7.43 13.67 -1.19
N GLN A 148 -6.90 12.46 -0.96
CA GLN A 148 -5.51 12.30 -0.51
C GLN A 148 -4.51 12.76 -1.56
N TYR A 149 -4.93 12.98 -2.79
CA TYR A 149 -4.04 13.34 -3.88
C TYR A 149 -4.18 14.79 -4.43
N VAL A 150 -5.10 15.55 -3.87
CA VAL A 150 -5.42 16.92 -4.35
C VAL A 150 -4.16 17.84 -4.27
N TYR A 151 -3.37 17.67 -3.21
CA TYR A 151 -2.16 18.47 -2.99
C TYR A 151 -0.86 17.74 -3.37
N GLY A 152 -1.00 16.57 -3.98
CA GLY A 152 0.13 15.83 -4.51
C GLY A 152 0.16 14.42 -3.96
N ILE A 153 1.18 13.65 -4.34
CA ILE A 153 1.30 12.26 -3.86
C ILE A 153 1.46 12.29 -2.37
N GLY A 154 0.67 11.49 -1.66
CA GLY A 154 0.69 11.51 -0.20
C GLY A 154 0.27 12.84 0.45
N GLY A 155 -0.45 13.67 -0.30
CA GLY A 155 -0.82 15.00 0.15
C GLY A 155 0.24 16.08 -0.03
N GLY A 156 1.39 15.74 -0.59
CA GLY A 156 2.45 16.73 -0.82
C GLY A 156 2.77 17.42 0.46
N THR A 157 2.88 18.74 0.41
CA THR A 157 3.10 19.52 1.62
C THR A 157 1.80 20.19 2.06
N GLY A 158 0.66 19.71 1.58
CA GLY A 158 -0.61 20.29 1.98
C GLY A 158 -0.94 21.52 1.17
N CYS A 159 -1.88 22.32 1.67
CA CYS A 159 -2.38 23.46 0.90
C CYS A 159 -1.23 24.42 0.63
N PRO A 160 -1.29 25.15 -0.49
CA PRO A 160 -0.20 26.10 -0.76
C PRO A 160 -0.08 27.24 0.26
N VAL A 161 -1.18 27.63 0.86
CA VAL A 161 -1.23 28.84 1.69
C VAL A 161 -0.72 28.57 3.10
N HIS A 162 -1.23 27.51 3.72
CA HIS A 162 -0.91 27.19 5.12
C HIS A 162 0.02 25.97 5.28
N LYS A 163 0.35 25.28 4.20
CA LYS A 163 1.17 24.04 4.21
C LYS A 163 0.60 22.97 5.14
N ASP A 164 -0.72 22.83 5.08
CA ASP A 164 -1.48 21.96 5.98
C ASP A 164 -2.25 20.93 5.15
N ARG A 165 -1.88 19.65 5.24
CA ARG A 165 -2.63 18.58 4.53
C ARG A 165 -4.05 18.43 5.07
N SER A 166 -4.33 18.88 6.32
CA SER A 166 -5.64 18.86 6.90
C SER A 166 -6.28 20.26 6.94
N CYS A 167 -5.91 21.13 6.01
CA CYS A 167 -6.47 22.50 6.01
C CYS A 167 -7.99 22.46 5.89
N TYR A 168 -8.67 23.18 6.79
CA TYR A 168 -10.12 23.28 6.74
C TYR A 168 -10.58 24.59 6.11
N ILE A 169 -9.65 25.44 5.74
CA ILE A 169 -9.96 26.77 5.16
C ILE A 169 -9.88 26.78 3.65
N CYS A 170 -8.80 26.22 3.11
CA CYS A 170 -8.49 26.31 1.69
C CYS A 170 -9.44 25.44 0.87
N HIS A 171 -9.81 25.99 -0.29
CA HIS A 171 -10.66 25.29 -1.27
C HIS A 171 -9.90 24.26 -2.04
N ARG A 172 -10.49 23.08 -2.10
CA ARG A 172 -9.95 21.94 -2.80
C ARG A 172 -10.84 21.63 -3.99
N GLN A 173 -10.28 20.92 -4.95
CA GLN A 173 -11.03 20.49 -6.12
C GLN A 173 -10.78 19.02 -6.48
N LEU A 174 -11.85 18.31 -6.83
CA LEU A 174 -11.78 16.94 -7.31
C LEU A 174 -12.53 16.89 -8.62
N LEU A 175 -12.21 15.89 -9.43
CA LEU A 175 -13.01 15.57 -10.61
C LEU A 175 -13.86 14.35 -10.35
N PHE A 176 -15.10 14.36 -10.82
CA PHE A 176 -15.98 13.19 -10.88
C PHE A 176 -16.13 12.85 -12.37
N CYS A 177 -15.63 11.68 -12.75
CA CYS A 177 -15.27 11.39 -14.11
C CYS A 177 -15.98 10.18 -14.65
N ARG A 178 -16.27 10.22 -15.94
CA ARG A 178 -16.84 9.08 -16.64
C ARG A 178 -15.67 8.30 -17.17
N VAL A 179 -15.59 7.01 -16.74
CA VAL A 179 -14.42 6.18 -17.04
C VAL A 179 -14.79 4.88 -17.69
N THR A 180 -14.20 4.59 -18.85
CA THR A 180 -14.41 3.30 -19.52
C THR A 180 -13.41 2.26 -19.04
N LEU A 181 -13.91 1.18 -18.44
CA LEU A 181 -13.01 0.16 -17.91
C LEU A 181 -12.81 -1.01 -18.86
N GLY A 182 -13.81 -1.26 -19.69
CA GLY A 182 -13.79 -2.41 -20.58
C GLY A 182 -13.61 -3.70 -19.78
N LYS A 183 -12.84 -4.62 -20.35
CA LYS A 183 -12.38 -5.79 -19.59
C LYS A 183 -11.27 -5.44 -18.63
N SER A 184 -11.55 -5.57 -17.34
CA SER A 184 -10.61 -5.06 -16.34
C SER A 184 -9.91 -6.23 -15.66
N PHE A 185 -8.61 -6.10 -15.54
CA PHE A 185 -7.77 -7.07 -14.88
C PHE A 185 -7.91 -6.92 -13.36
N LEU A 186 -8.33 -7.99 -12.68
CA LEU A 186 -8.58 -7.96 -11.23
CA LEU A 186 -8.59 -7.97 -11.25
C LEU A 186 -7.31 -8.24 -10.46
N GLN A 187 -6.88 -7.28 -9.67
CA GLN A 187 -5.71 -7.41 -8.82
C GLN A 187 -6.19 -7.42 -7.39
N PHE A 188 -5.96 -8.49 -6.65
CA PHE A 188 -6.36 -8.54 -5.26
C PHE A 188 -5.18 -7.85 -4.59
N SER A 189 -5.45 -6.90 -3.73
CA SER A 189 -4.35 -6.01 -3.34
C SER A 189 -4.42 -5.75 -1.87
N ALA A 190 -3.24 -5.75 -1.24
CA ALA A 190 -3.08 -5.43 0.18
C ALA A 190 -3.14 -3.91 0.35
N MET A 191 -4.36 -3.39 0.51
CA MET A 191 -4.59 -1.94 0.55
C MET A 191 -5.11 -1.55 1.93
N MET B 1 3.65 6.28 -20.28
CA MET B 1 2.53 5.48 -19.69
C MET B 1 2.74 3.98 -19.99
N ALA B 2 2.40 3.10 -19.02
CA ALA B 2 2.49 1.66 -19.23
C ALA B 2 1.36 1.19 -20.14
N HIS B 3 1.30 -0.11 -20.38
CA HIS B 3 0.20 -0.69 -21.14
C HIS B 3 -0.71 -1.49 -20.22
N SER B 4 -1.96 -1.61 -20.65
CA SER B 4 -2.90 -2.47 -19.97
C SER B 4 -2.35 -3.89 -20.05
N PRO B 5 -2.70 -4.72 -19.07
CA PRO B 5 -2.36 -6.14 -19.24
C PRO B 5 -2.95 -6.69 -20.54
N PRO B 6 -2.18 -7.55 -21.25
CA PRO B 6 -2.72 -8.07 -22.52
C PRO B 6 -4.14 -8.67 -22.39
N GLY B 7 -5.02 -8.31 -23.33
CA GLY B 7 -6.40 -8.77 -23.34
C GLY B 7 -7.32 -8.00 -22.39
N HIS B 8 -6.82 -6.90 -21.80
CA HIS B 8 -7.59 -6.08 -20.86
C HIS B 8 -7.50 -4.59 -21.23
N HIS B 9 -8.47 -3.82 -20.74
CA HIS B 9 -8.53 -2.36 -21.01
C HIS B 9 -8.27 -1.49 -19.79
N SER B 10 -8.14 -2.12 -18.63
CA SER B 10 -7.92 -1.43 -17.37
C SER B 10 -7.47 -2.43 -16.33
N VAL B 11 -7.14 -1.93 -15.14
CA VAL B 11 -6.88 -2.74 -13.97
C VAL B 11 -7.78 -2.28 -12.81
N THR B 12 -8.27 -3.24 -12.04
CA THR B 12 -9.08 -2.99 -10.84
C THR B 12 -8.24 -3.40 -9.65
N GLY B 13 -8.05 -2.49 -8.70
CA GLY B 13 -7.34 -2.78 -7.50
C GLY B 13 -8.40 -3.05 -6.48
N ARG B 14 -8.59 -4.34 -6.17
CA ARG B 14 -9.56 -4.76 -5.18
C ARG B 14 -9.00 -4.76 -3.77
N PRO B 15 -9.62 -4.03 -2.88
CA PRO B 15 -9.05 -4.12 -1.54
C PRO B 15 -9.10 -5.54 -1.00
N SER B 16 -7.95 -6.11 -0.61
CA SER B 16 -7.93 -7.25 0.32
C SER B 16 -7.96 -6.56 1.72
N VAL B 17 -6.92 -6.65 2.52
CA VAL B 17 -6.93 -6.27 3.95
C VAL B 17 -8.08 -5.41 4.53
N ASN B 18 -8.30 -4.20 3.98
CA ASN B 18 -9.24 -3.25 4.57
C ASN B 18 -10.64 -3.49 4.06
N GLY B 19 -11.41 -4.16 4.92
CA GLY B 19 -12.80 -4.43 4.67
C GLY B 19 -13.66 -3.27 4.32
N LEU B 20 -13.33 -2.02 4.71
CA LEU B 20 -14.26 -0.91 4.39
C LEU B 20 -13.90 -0.12 3.11
N ALA B 21 -12.73 -0.38 2.55
CA ALA B 21 -12.26 0.38 1.39
C ALA B 21 -13.02 -0.06 0.13
N LEU B 22 -13.30 0.90 -0.73
CA LEU B 22 -13.79 0.61 -2.07
C LEU B 22 -12.65 0.44 -3.04
N ALA B 23 -12.98 -0.04 -4.23
CA ALA B 23 -12.02 -0.26 -5.27
C ALA B 23 -11.38 1.02 -5.86
N GLU B 24 -10.20 0.84 -6.42
CA GLU B 24 -9.51 1.83 -7.22
C GLU B 24 -9.28 1.20 -8.61
N TYR B 25 -9.11 2.06 -9.62
CA TYR B 25 -9.05 1.61 -11.00
C TYR B 25 -7.97 2.37 -11.74
N VAL B 26 -7.34 1.71 -12.71
CA VAL B 26 -6.29 2.32 -13.50
C VAL B 26 -6.57 2.12 -14.97
N ILE B 27 -6.48 3.20 -15.74
CA ILE B 27 -6.52 3.11 -17.18
C ILE B 27 -5.15 3.59 -17.71
N TYR B 28 -4.85 3.19 -18.92
CA TYR B 28 -3.56 3.41 -19.52
C TYR B 28 -3.69 4.21 -20.84
N ARG B 29 -4.87 4.74 -21.09
CA ARG B 29 -5.13 5.58 -22.26
C ARG B 29 -5.92 6.74 -21.71
N GLY B 30 -5.44 7.97 -21.91
CA GLY B 30 -6.19 9.14 -21.43
C GLY B 30 -7.60 9.32 -22.03
N GLU B 31 -7.80 8.77 -23.23
CA GLU B 31 -9.08 8.85 -23.91
C GLU B 31 -10.15 8.01 -23.26
N GLN B 32 -9.79 7.17 -22.28
CA GLN B 32 -10.75 6.34 -21.61
C GLN B 32 -11.39 7.02 -20.38
N ALA B 33 -11.25 8.34 -20.22
CA ALA B 33 -11.93 9.03 -19.16
C ALA B 33 -12.31 10.41 -19.67
N TYR B 34 -13.45 10.90 -19.21
CA TYR B 34 -13.87 12.27 -19.44
C TYR B 34 -14.15 12.94 -18.08
N PRO B 35 -13.58 14.13 -17.86
CA PRO B 35 -13.76 14.81 -16.57
C PRO B 35 -15.07 15.55 -16.57
N GLU B 36 -16.12 14.94 -16.06
CA GLU B 36 -17.44 15.44 -16.28
C GLU B 36 -17.88 16.52 -15.27
N TYR B 37 -17.48 16.36 -14.02
CA TYR B 37 -17.77 17.35 -12.99
C TYR B 37 -16.52 17.81 -12.29
N LEU B 38 -16.46 19.13 -12.10
CA LEU B 38 -15.45 19.75 -11.23
C LEU B 38 -16.12 20.18 -9.94
N ILE B 39 -15.65 19.62 -8.83
CA ILE B 39 -16.26 19.80 -7.53
C ILE B 39 -15.28 20.58 -6.67
N THR B 40 -15.74 21.73 -6.17
CA THR B 40 -14.97 22.58 -5.29
C THR B 40 -15.51 22.49 -3.88
N TYR B 41 -14.63 22.25 -2.90
CA TYR B 41 -15.10 21.83 -1.60
C TYR B 41 -14.08 22.17 -0.53
N GLN B 42 -14.54 22.13 0.72
CA GLN B 42 -13.61 22.05 1.85
C GLN B 42 -13.86 20.76 2.62
N ILE B 43 -12.82 20.26 3.28
CA ILE B 43 -13.05 19.19 4.25
C ILE B 43 -13.57 19.83 5.54
N MET B 44 -14.41 19.13 6.29
CA MET B 44 -14.99 19.69 7.53
C MET B 44 -14.34 19.10 8.77
N ARG B 45 -13.98 19.96 9.72
CA ARG B 45 -13.44 19.48 11.01
C ARG B 45 -14.54 18.73 11.76
N PRO B 46 -14.28 17.47 12.17
CA PRO B 46 -15.27 16.77 13.00
C PRO B 46 -15.57 17.54 14.30
N GLU B 47 -16.83 17.51 14.73
CA GLU B 47 -17.28 18.23 15.95
C GLU B 47 -16.94 17.47 17.22
N GLY C 30 -4.77 1.54 17.54
CA GLY C 30 -4.08 2.85 17.54
C GLY C 30 -2.96 2.94 16.51
N THR C 31 -2.99 2.07 15.51
CA THR C 31 -1.90 2.03 14.53
C THR C 31 -2.25 2.93 13.38
N ILE C 32 -1.30 3.75 12.97
CA ILE C 32 -1.36 4.47 11.72
C ILE C 32 -0.19 4.09 10.81
N LEU C 33 -0.48 4.09 9.51
CA LEU C 33 0.48 3.72 8.50
C LEU C 33 0.79 4.91 7.64
N ILE C 34 2.06 5.28 7.57
CA ILE C 34 2.50 6.45 6.83
C ILE C 34 3.30 6.02 5.64
N ASP C 35 2.82 6.35 4.43
CA ASP C 35 3.60 6.01 3.23
C ASP C 35 4.89 6.78 3.12
N LEU C 36 5.95 6.06 2.77
CA LEU C 36 7.21 6.68 2.44
C LEU C 36 7.29 6.94 0.96
N SER C 37 7.77 8.14 0.59
CA SER C 37 8.02 8.43 -0.84
C SER C 37 9.20 7.65 -1.37
N PRO C 38 9.11 7.13 -2.59
CA PRO C 38 10.28 6.51 -3.20
C PRO C 38 11.48 7.44 -3.36
N ASP C 39 11.23 8.75 -3.31
CA ASP C 39 12.32 9.71 -3.40
C ASP C 39 12.98 9.97 -2.06
N ASP C 40 12.43 9.38 -0.98
CA ASP C 40 12.91 9.54 0.40
C ASP C 40 14.09 8.56 0.60
N LYS C 41 15.19 9.03 1.17
CA LYS C 41 16.31 8.15 1.51
C LYS C 41 15.92 6.95 2.36
N GLU C 42 14.96 7.15 3.24
CA GLU C 42 14.49 6.06 4.12
C GLU C 42 13.88 4.93 3.30
N PHE C 43 13.01 5.28 2.37
CA PHE C 43 12.43 4.26 1.45
C PHE C 43 13.54 3.52 0.72
N GLN C 44 14.51 4.29 0.21
CA GLN C 44 15.58 3.73 -0.59
C GLN C 44 16.45 2.76 0.22
N SER C 45 16.66 3.10 1.48
CA SER C 45 17.47 2.28 2.39
C SER C 45 16.75 0.94 2.67
N VAL C 46 15.46 0.99 2.88
CA VAL C 46 14.70 -0.22 3.16
C VAL C 46 14.60 -1.12 1.91
N GLU C 47 14.36 -0.51 0.75
CA GLU C 47 14.39 -1.26 -0.49
C GLU C 47 15.76 -1.92 -0.70
N GLU C 48 16.87 -1.21 -0.47
CA GLU C 48 18.17 -1.83 -0.67
C GLU C 48 18.40 -2.98 0.30
N GLU C 49 17.92 -2.87 1.54
CA GLU C 49 18.07 -3.99 2.48
C GLU C 49 17.25 -5.19 1.99
N MET C 50 16.02 -4.96 1.50
CA MET C 50 15.27 -6.06 0.85
C MET C 50 16.03 -6.72 -0.31
N GLN C 51 16.41 -5.90 -1.30
CA GLN C 51 16.97 -6.41 -2.53
C GLN C 51 18.33 -7.09 -2.32
N SER C 52 19.12 -6.49 -1.45
CA SER C 52 20.51 -6.94 -1.25
C SER C 52 20.60 -8.22 -0.43
N THR C 53 19.54 -8.60 0.27
CA THR C 53 19.57 -9.82 1.07
C THR C 53 18.72 -10.94 0.49
N VAL C 54 18.38 -10.84 -0.80
CA VAL C 54 17.84 -12.01 -1.50
C VAL C 54 18.99 -13.03 -1.72
N ARG C 55 18.74 -14.30 -1.47
CA ARG C 55 19.67 -15.35 -1.82
C ARG C 55 18.94 -16.51 -2.48
N GLU C 56 19.71 -17.46 -2.99
CA GLU C 56 19.14 -18.74 -3.46
C GLU C 56 18.82 -19.60 -2.28
N HIS C 57 17.74 -20.37 -2.41
CA HIS C 57 17.30 -21.27 -1.38
C HIS C 57 17.45 -22.71 -1.84
N ARG C 58 17.73 -23.59 -0.90
CA ARG C 58 18.01 -24.97 -1.25
C ARG C 58 16.80 -25.79 -1.65
N ASP C 59 15.60 -25.24 -1.47
CA ASP C 59 14.38 -25.86 -2.00
C ASP C 59 14.09 -25.52 -3.47
N GLY C 60 15.03 -24.84 -4.13
CA GLY C 60 14.93 -24.47 -5.52
C GLY C 60 13.79 -23.48 -5.79
N GLY C 61 13.26 -22.83 -4.75
CA GLY C 61 12.09 -21.92 -4.87
C GLY C 61 10.77 -22.51 -4.43
N HIS C 62 10.77 -23.77 -3.97
CA HIS C 62 9.52 -24.39 -3.58
C HIS C 62 8.66 -23.54 -2.67
N ALA C 63 9.22 -23.09 -1.55
CA ALA C 63 8.42 -22.40 -0.56
C ALA C 63 8.09 -20.96 -0.96
N GLY C 64 9.11 -20.21 -1.39
CA GLY C 64 8.99 -18.77 -1.62
C GLY C 64 8.82 -18.30 -3.06
N GLY C 65 9.08 -19.18 -4.01
CA GLY C 65 9.12 -18.81 -5.42
C GLY C 65 10.50 -18.65 -6.01
N ILE C 66 10.56 -18.54 -7.34
CA ILE C 66 11.79 -18.40 -8.05
C ILE C 66 11.95 -16.94 -8.43
N PHE C 67 12.99 -16.33 -7.88
CA PHE C 67 13.30 -14.90 -8.11
C PHE C 67 14.68 -14.54 -7.59
N ASN C 68 15.24 -13.51 -8.21
CA ASN C 68 16.46 -12.89 -7.78
C ASN C 68 16.28 -11.46 -7.19
N ARG C 69 15.10 -10.88 -7.37
CA ARG C 69 14.81 -9.54 -6.95
C ARG C 69 13.30 -9.32 -6.82
N TYR C 70 12.93 -8.22 -6.18
CA TYR C 70 11.58 -7.81 -5.97
C TYR C 70 11.20 -6.55 -6.74
N ASN C 71 9.89 -6.44 -6.97
CA ASN C 71 9.25 -5.16 -7.32
C ASN C 71 8.63 -4.60 -6.04
N ILE C 72 9.26 -3.61 -5.43
CA ILE C 72 8.74 -3.00 -4.22
C ILE C 72 7.63 -2.03 -4.64
N LEU C 73 6.43 -2.26 -4.14
CA LEU C 73 5.25 -1.45 -4.49
C LEU C 73 4.95 -0.32 -3.47
N LYS C 74 5.22 -0.58 -2.21
CA LYS C 74 4.94 0.38 -1.14
C LYS C 74 5.78 0.04 0.10
N ILE C 75 6.23 1.08 0.80
CA ILE C 75 6.85 0.89 2.11
C ILE C 75 6.17 1.87 3.05
N GLN C 76 5.57 1.37 4.13
CA GLN C 76 4.89 2.21 5.12
C GLN C 76 5.53 2.14 6.49
N LYS C 77 5.66 3.29 7.11
CA LYS C 77 6.01 3.35 8.53
C LYS C 77 4.82 3.01 9.41
N VAL C 78 5.03 2.09 10.34
CA VAL C 78 3.98 1.62 11.22
C VAL C 78 4.11 2.40 12.54
N CYS C 79 3.05 3.10 12.93
CA CYS C 79 3.15 4.01 14.07
C CYS C 79 2.09 3.68 15.09
N ASN C 80 2.52 3.23 16.26
CA ASN C 80 1.58 2.90 17.32
C ASN C 80 2.27 3.19 18.64
N LYS C 81 1.75 4.17 19.37
CA LYS C 81 2.39 4.70 20.57
C LYS C 81 2.40 3.63 21.66
N LYS C 82 1.28 2.98 21.88
CA LYS C 82 1.19 1.89 22.88
C LYS C 82 2.20 0.77 22.60
N LEU C 83 2.24 0.32 21.34
CA LEU C 83 3.14 -0.77 20.97
C LEU C 83 4.59 -0.33 21.07
N TRP C 84 4.88 0.91 20.68
CA TRP C 84 6.25 1.44 20.77
C TRP C 84 6.72 1.47 22.22
N GLU C 85 5.85 1.97 23.10
CA GLU C 85 6.18 2.09 24.51
C GLU C 85 6.37 0.72 25.19
N ARG C 86 5.55 -0.24 24.81
CA ARG C 86 5.71 -1.62 25.22
C ARG C 86 7.11 -2.15 24.79
N TYR C 87 7.45 -1.93 23.53
CA TYR C 87 8.79 -2.29 23.02
C TYR C 87 9.93 -1.60 23.79
N THR C 88 9.87 -0.28 23.96
CA THR C 88 10.98 0.47 24.58
C THR C 88 11.14 0.15 26.06
N HIS C 89 10.04 -0.20 26.70
CA HIS C 89 10.09 -0.62 28.10
C HIS C 89 10.84 -1.94 28.24
N ARG C 90 10.48 -2.91 27.40
CA ARG C 90 11.19 -4.19 27.40
C ARG C 90 12.65 -4.01 26.96
N ARG C 91 12.89 -3.13 26.00
CA ARG C 91 14.26 -2.90 25.54
C ARG C 91 15.18 -2.42 26.69
N LYS C 92 14.63 -1.49 27.48
CA LYS C 92 15.33 -0.96 28.63
C LYS C 92 15.63 -2.06 29.66
N GLU C 93 14.65 -2.93 29.92
CA GLU C 93 14.84 -4.07 30.84
C GLU C 93 15.94 -5.00 30.34
N VAL C 94 15.85 -5.34 29.06
CA VAL C 94 16.84 -6.23 28.48
C VAL C 94 18.24 -5.56 28.46
N SER C 95 18.31 -4.28 28.11
CA SER C 95 19.58 -3.59 28.04
C SER C 95 20.31 -3.60 29.41
N GLU C 96 19.54 -3.29 30.44
CA GLU C 96 20.08 -3.25 31.81
C GLU C 96 20.57 -4.63 32.25
N GLU C 97 19.80 -5.67 31.96
CA GLU C 97 20.23 -7.05 32.22
C GLU C 97 21.48 -7.47 31.46
N ASN C 98 21.69 -6.89 30.26
CA ASN C 98 22.82 -7.23 29.42
C ASN C 98 23.87 -6.13 29.48
N HIS C 99 24.01 -5.47 30.64
CA HIS C 99 25.11 -4.52 30.88
C HIS C 99 25.14 -3.34 29.93
N ASN C 100 23.95 -2.77 29.79
CA ASN C 100 23.68 -1.58 29.01
CA ASN C 100 23.70 -1.57 29.00
C ASN C 100 23.92 -1.80 27.51
N HIS C 101 23.43 -2.93 27.01
CA HIS C 101 23.52 -3.31 25.58
C HIS C 101 22.25 -4.01 25.12
N ALA C 102 21.37 -3.27 24.43
CA ALA C 102 20.15 -3.87 23.91
C ALA C 102 20.42 -4.88 22.80
N ASN C 103 21.50 -4.71 22.06
CA ASN C 103 21.81 -5.55 20.92
C ASN C 103 20.64 -5.54 19.91
N GLU C 104 20.22 -4.32 19.55
CA GLU C 104 19.07 -4.09 18.69
C GLU C 104 19.44 -4.15 17.20
N ARG C 105 18.61 -4.87 16.45
CA ARG C 105 18.81 -5.12 15.04
C ARG C 105 17.57 -4.71 14.25
N MET C 106 17.73 -4.55 12.94
CA MET C 106 16.59 -4.51 12.02
C MET C 106 16.60 -5.81 11.21
N LEU C 107 15.50 -6.55 11.29
CA LEU C 107 15.33 -7.88 10.73
C LEU C 107 13.97 -8.08 10.07
N PHE C 108 13.92 -8.92 9.04
CA PHE C 108 12.65 -9.23 8.36
C PHE C 108 11.79 -10.24 9.11
N HIS C 109 10.48 -10.11 8.94
CA HIS C 109 9.54 -11.09 9.43
C HIS C 109 8.45 -11.30 8.38
N GLY C 110 8.24 -12.55 7.99
CA GLY C 110 7.19 -12.93 7.05
C GLY C 110 6.17 -13.81 7.73
N SER C 111 4.90 -13.55 7.46
CA SER C 111 3.83 -14.29 8.11
C SER C 111 2.50 -13.95 7.47
N PRO C 112 1.55 -14.88 7.46
CA PRO C 112 0.21 -14.48 7.03
C PRO C 112 -0.51 -13.59 8.04
N PHE C 113 0.07 -13.33 9.20
CA PHE C 113 -0.64 -12.57 10.24
C PHE C 113 -0.16 -11.15 10.35
N VAL C 114 0.49 -10.68 9.29
CA VAL C 114 1.10 -9.35 9.29
C VAL C 114 0.07 -8.26 9.62
N ASN C 115 -1.19 -8.43 9.17
CA ASN C 115 -2.25 -7.47 9.56
C ASN C 115 -2.56 -7.49 11.05
N ALA C 116 -2.68 -8.66 11.65
CA ALA C 116 -2.80 -8.75 13.10
C ALA C 116 -1.60 -8.08 13.82
N ILE C 117 -0.39 -8.36 13.35
CA ILE C 117 0.80 -7.87 14.03
C ILE C 117 0.89 -6.34 14.10
N ILE C 118 0.60 -5.66 13.01
CA ILE C 118 0.77 -4.24 12.99
C ILE C 118 -0.23 -3.53 13.90
N HIS C 119 -1.32 -4.21 14.20
CA HIS C 119 -2.39 -3.61 15.03
C HIS C 119 -2.28 -3.97 16.49
N LYS C 120 -1.91 -5.21 16.76
CA LYS C 120 -1.94 -5.77 18.12
C LYS C 120 -0.54 -6.11 18.64
N GLY C 121 0.47 -6.05 17.75
CA GLY C 121 1.84 -6.33 18.14
C GLY C 121 2.15 -7.81 18.03
N PHE C 122 3.41 -8.16 18.31
CA PHE C 122 3.80 -9.55 18.39
C PHE C 122 3.39 -10.17 19.72
N ASP C 123 3.00 -11.43 19.68
CA ASP C 123 2.70 -12.19 20.89
C ASP C 123 2.74 -13.71 20.63
N GLU C 124 2.42 -14.49 21.64
CA GLU C 124 2.56 -15.97 21.57
C GLU C 124 1.97 -16.60 20.29
N ARG C 125 0.91 -16.01 19.76
CA ARG C 125 0.27 -16.56 18.55
C ARG C 125 1.10 -16.44 17.29
N HIS C 126 2.15 -15.62 17.33
CA HIS C 126 3.03 -15.43 16.15
C HIS C 126 4.27 -16.30 16.23
N ALA C 127 4.28 -17.19 17.22
CA ALA C 127 5.40 -18.07 17.46
C ALA C 127 5.32 -19.25 16.50
N TYR C 128 6.49 -19.77 16.16
CA TYR C 128 6.61 -20.88 15.27
C TYR C 128 6.95 -22.06 16.16
N ILE C 129 5.92 -22.83 16.53
CA ILE C 129 6.07 -23.89 17.51
C ILE C 129 7.06 -24.97 17.05
N GLY C 130 7.11 -25.26 15.76
CA GLY C 130 8.02 -26.29 15.27
C GLY C 130 9.33 -25.78 14.71
N GLY C 131 9.69 -24.54 15.03
CA GLY C 131 10.93 -23.97 14.56
C GLY C 131 12.15 -24.69 15.14
N MET C 132 13.24 -24.65 14.40
CA MET C 132 14.45 -25.38 14.76
C MET C 132 15.13 -24.86 16.03
N PHE C 133 14.81 -23.65 16.45
CA PHE C 133 15.38 -23.08 17.67
C PHE C 133 14.30 -22.87 18.73
N GLY C 134 13.27 -23.71 18.70
CA GLY C 134 12.25 -23.68 19.72
C GLY C 134 11.09 -22.79 19.36
N ALA C 135 10.06 -22.85 20.19
CA ALA C 135 8.80 -22.11 20.01
C ALA C 135 8.96 -20.63 20.39
N GLY C 136 9.38 -19.83 19.41
CA GLY C 136 9.53 -18.41 19.63
C GLY C 136 9.16 -17.72 18.33
N ILE C 137 9.43 -16.43 18.28
CA ILE C 137 9.07 -15.63 17.12
C ILE C 137 10.34 -15.45 16.31
N TYR C 138 10.30 -15.83 15.04
CA TYR C 138 11.46 -15.90 14.17
C TYR C 138 11.64 -14.66 13.29
N PHE C 139 12.88 -14.25 13.10
CA PHE C 139 13.26 -13.11 12.26
C PHE C 139 14.44 -13.52 11.39
N ALA C 140 14.60 -12.87 10.22
CA ALA C 140 15.66 -13.23 9.28
C ALA C 140 16.46 -12.02 8.81
N GLU C 141 17.75 -12.23 8.61
CA GLU C 141 18.60 -11.29 7.90
C GLU C 141 18.34 -11.35 6.38
N ASN C 142 18.05 -12.53 5.83
CA ASN C 142 17.71 -12.65 4.38
C ASN C 142 16.24 -12.34 4.17
N SER C 143 15.91 -11.27 3.44
CA SER C 143 14.53 -11.00 3.09
C SER C 143 13.88 -12.23 2.45
N SER C 144 14.64 -12.97 1.61
CA SER C 144 14.09 -14.11 0.90
C SER C 144 13.75 -15.27 1.82
N LYS C 145 14.43 -15.35 2.98
CA LYS C 145 14.06 -16.35 3.99
C LYS C 145 12.66 -16.01 4.54
N SER C 146 12.44 -14.74 4.89
CA SER C 146 11.12 -14.32 5.40
C SER C 146 10.04 -14.46 4.34
N ASN C 147 10.39 -14.22 3.08
CA ASN C 147 9.45 -14.41 1.96
C ASN C 147 8.90 -15.86 1.90
N GLN C 148 9.70 -16.84 2.30
CA GLN C 148 9.23 -18.22 2.38
C GLN C 148 8.07 -18.46 3.35
N TYR C 149 7.80 -17.53 4.27
CA TYR C 149 6.79 -17.71 5.30
C TYR C 149 5.57 -16.82 5.08
N VAL C 150 5.61 -16.00 4.02
CA VAL C 150 4.50 -15.05 3.79
C VAL C 150 3.14 -15.72 3.62
N TYR C 151 3.12 -16.86 2.95
CA TYR C 151 1.90 -17.58 2.74
C TYR C 151 1.70 -18.77 3.68
N GLY C 152 2.52 -18.83 4.74
CA GLY C 152 2.45 -19.90 5.72
C GLY C 152 3.74 -20.69 5.84
N ILE C 153 3.75 -21.65 6.76
CA ILE C 153 4.92 -22.52 6.92
C ILE C 153 5.17 -23.28 5.60
N GLY C 154 6.39 -23.20 5.09
CA GLY C 154 6.70 -23.89 3.86
C GLY C 154 6.09 -23.26 2.62
N GLY C 155 5.67 -22.00 2.77
CA GLY C 155 4.90 -21.31 1.76
C GLY C 155 3.40 -21.66 1.70
N GLY C 156 2.91 -22.47 2.64
CA GLY C 156 1.54 -22.97 2.57
C GLY C 156 1.18 -23.48 1.21
N THR C 157 0.02 -23.07 0.70
CA THR C 157 -0.41 -23.40 -0.65
C THR C 157 -0.25 -22.18 -1.59
N GLY C 158 0.59 -21.22 -1.20
CA GLY C 158 0.88 -20.09 -2.07
C GLY C 158 -0.18 -19.01 -1.99
N CYS C 159 -0.24 -18.18 -3.01
CA CYS C 159 -1.17 -17.06 -2.96
C CYS C 159 -2.60 -17.56 -2.92
N PRO C 160 -3.50 -16.77 -2.32
CA PRO C 160 -4.92 -17.16 -2.24
C PRO C 160 -5.61 -17.32 -3.59
N VAL C 161 -5.29 -16.42 -4.52
CA VAL C 161 -5.97 -16.34 -5.82
C VAL C 161 -5.59 -17.46 -6.77
N HIS C 162 -4.31 -17.80 -6.85
CA HIS C 162 -3.78 -18.73 -7.82
C HIS C 162 -3.20 -20.01 -7.19
N LYS C 163 -3.11 -20.10 -5.85
CA LYS C 163 -2.46 -21.26 -5.20
C LYS C 163 -1.04 -21.54 -5.74
N ASP C 164 -0.28 -20.45 -5.89
CA ASP C 164 1.01 -20.47 -6.53
C ASP C 164 2.03 -19.86 -5.56
N ARG C 165 2.93 -20.71 -5.05
CA ARG C 165 3.98 -20.22 -4.14
C ARG C 165 4.95 -19.29 -4.86
N SER C 166 5.02 -19.37 -6.21
CA SER C 166 5.89 -18.51 -7.00
C SER C 166 5.10 -17.49 -7.80
N CYS C 167 3.95 -17.10 -7.26
CA CYS C 167 3.07 -16.12 -7.95
C CYS C 167 3.81 -14.82 -8.16
N TYR C 168 3.80 -14.33 -9.41
CA TYR C 168 4.44 -13.09 -9.79
C TYR C 168 3.40 -11.94 -9.91
N ILE C 169 2.14 -12.26 -9.69
CA ILE C 169 1.03 -11.28 -9.86
C ILE C 169 0.60 -10.68 -8.52
N CYS C 170 0.37 -11.55 -7.55
CA CYS C 170 -0.27 -11.18 -6.30
C CYS C 170 0.72 -10.46 -5.40
N HIS C 171 0.20 -9.45 -4.72
CA HIS C 171 1.02 -8.60 -3.85
C HIS C 171 1.26 -9.30 -2.54
N ARG C 172 2.50 -9.24 -2.08
CA ARG C 172 2.93 -9.83 -0.83
C ARG C 172 3.29 -8.74 0.15
N GLN C 173 3.26 -9.07 1.44
CA GLN C 173 3.75 -8.15 2.44
C GLN C 173 4.72 -8.79 3.42
N LEU C 174 5.78 -8.06 3.76
CA LEU C 174 6.81 -8.45 4.77
C LEU C 174 6.89 -7.32 5.80
N LEU C 175 7.34 -7.63 7.02
CA LEU C 175 7.67 -6.60 7.97
C LEU C 175 9.16 -6.48 8.08
N PHE C 176 9.64 -5.26 8.29
CA PHE C 176 11.04 -4.98 8.58
C PHE C 176 10.99 -4.38 9.98
N CYS C 177 11.54 -5.12 10.93
CA CYS C 177 11.27 -4.91 12.35
C CYS C 177 12.48 -4.57 13.18
N ARG C 178 12.23 -3.78 14.22
CA ARG C 178 13.24 -3.47 15.22
C ARG C 178 13.18 -4.60 16.26
N VAL C 179 14.32 -5.28 16.49
CA VAL C 179 14.35 -6.47 17.33
C VAL C 179 15.43 -6.36 18.41
N THR C 180 15.01 -6.51 19.66
CA THR C 180 15.97 -6.47 20.81
C THR C 180 16.48 -7.90 21.07
N LEU C 181 17.77 -8.16 20.79
CA LEU C 181 18.34 -9.53 20.99
C LEU C 181 18.92 -9.78 22.39
N GLY C 182 19.35 -8.73 23.04
CA GLY C 182 20.06 -8.83 24.32
C GLY C 182 21.26 -9.74 24.21
N LYS C 183 21.48 -10.52 25.27
CA LYS C 183 22.44 -11.62 25.24
C LYS C 183 21.85 -12.76 24.43
N SER C 184 22.43 -12.98 23.26
CA SER C 184 21.87 -13.94 22.31
C SER C 184 22.69 -15.24 22.34
N PHE C 185 21.97 -16.35 22.48
CA PHE C 185 22.60 -17.67 22.48
C PHE C 185 22.93 -18.08 21.05
N LEU C 186 24.21 -18.27 20.78
CA LEU C 186 24.63 -18.69 19.45
C LEU C 186 24.42 -20.19 19.21
N GLN C 187 23.53 -20.52 18.28
CA GLN C 187 23.32 -21.89 17.89
C GLN C 187 23.71 -22.04 16.43
N PHE C 188 24.72 -22.83 16.14
CA PHE C 188 25.04 -23.09 14.75
C PHE C 188 24.03 -24.09 14.24
N SER C 189 23.59 -23.91 13.00
CA SER C 189 22.64 -24.84 12.44
C SER C 189 23.26 -25.57 11.26
N ALA C 190 22.76 -26.77 10.99
CA ALA C 190 23.29 -27.64 9.96
C ALA C 190 22.84 -27.19 8.57
N MET C 191 22.02 -26.15 8.52
CA MET C 191 21.61 -25.57 7.25
C MET C 191 22.75 -24.69 6.72
N MET D 1 4.51 -20.56 24.11
CA MET D 1 5.85 -19.98 23.76
C MET D 1 6.94 -20.42 24.76
N ALA D 2 8.02 -20.98 24.22
CA ALA D 2 9.17 -21.46 25.00
C ALA D 2 9.90 -20.29 25.69
N HIS D 3 10.90 -20.63 26.50
CA HIS D 3 11.68 -19.61 27.20
C HIS D 3 13.04 -19.49 26.56
N SER D 4 13.67 -18.31 26.70
CA SER D 4 15.03 -18.12 26.24
C SER D 4 15.90 -19.08 27.05
N PRO D 5 17.05 -19.47 26.49
CA PRO D 5 18.06 -20.18 27.27
C PRO D 5 18.42 -19.38 28.51
N PRO D 6 18.69 -20.06 29.65
CA PRO D 6 18.97 -19.33 30.87
C PRO D 6 20.07 -18.30 30.68
N GLY D 7 19.83 -17.10 31.20
CA GLY D 7 20.78 -16.03 31.11
C GLY D 7 20.83 -15.37 29.74
N HIS D 8 19.95 -15.79 28.81
CA HIS D 8 19.93 -15.24 27.43
C HIS D 8 18.54 -14.66 27.11
N HIS D 9 18.50 -13.76 26.13
CA HIS D 9 17.29 -13.06 25.74
C HIS D 9 16.80 -13.42 24.35
N SER D 10 17.59 -14.22 23.63
CA SER D 10 17.26 -14.62 22.29
C SER D 10 18.21 -15.70 21.88
N VAL D 11 17.91 -16.28 20.71
CA VAL D 11 18.75 -17.25 20.06
C VAL D 11 19.12 -16.80 18.67
N THR D 12 20.39 -16.98 18.34
CA THR D 12 20.93 -16.72 16.99
C THR D 12 21.15 -18.07 16.33
N GLY D 13 20.40 -18.31 15.25
CA GLY D 13 20.50 -19.52 14.50
C GLY D 13 21.36 -19.24 13.30
N ARG D 14 22.58 -19.71 13.32
CA ARG D 14 23.53 -19.38 12.27
C ARG D 14 23.88 -20.54 11.34
N PRO D 15 23.50 -20.47 10.06
CA PRO D 15 23.80 -21.57 9.15
C PRO D 15 25.30 -21.81 9.05
N SER D 16 25.72 -23.07 9.13
CA SER D 16 27.12 -23.39 9.05
C SER D 16 27.49 -24.17 7.79
N VAL D 17 26.50 -24.55 6.97
CA VAL D 17 26.80 -25.29 5.74
C VAL D 17 26.67 -24.39 4.51
N ASN D 18 25.54 -23.70 4.37
CA ASN D 18 25.42 -22.73 3.28
C ASN D 18 26.06 -21.40 3.68
N GLY D 19 27.23 -21.12 3.09
CA GLY D 19 28.05 -19.98 3.52
C GLY D 19 27.51 -18.63 3.02
N LEU D 20 26.49 -18.68 2.17
CA LEU D 20 25.80 -17.47 1.73
C LEU D 20 24.49 -17.23 2.50
N ALA D 21 24.11 -18.17 3.37
CA ALA D 21 22.89 -18.05 4.15
C ALA D 21 23.16 -17.21 5.40
N LEU D 22 22.37 -16.14 5.59
CA LEU D 22 22.52 -15.27 6.76
C LEU D 22 21.77 -15.86 7.96
N ALA D 23 21.91 -15.23 9.14
CA ALA D 23 21.32 -15.78 10.34
C ALA D 23 19.82 -15.58 10.43
N GLU D 24 19.22 -16.40 11.28
CA GLU D 24 17.85 -16.26 11.73
C GLU D 24 17.91 -16.03 13.24
N TYR D 25 16.94 -15.32 13.78
CA TYR D 25 16.96 -15.00 15.23
C TYR D 25 15.59 -15.29 15.81
N VAL D 26 15.58 -15.74 17.07
CA VAL D 26 14.37 -16.09 17.77
C VAL D 26 14.30 -15.34 19.06
N ILE D 27 13.15 -14.72 19.29
CA ILE D 27 12.81 -14.16 20.56
C ILE D 27 11.63 -14.90 21.14
N TYR D 28 11.51 -14.81 22.47
CA TYR D 28 10.48 -15.53 23.21
C TYR D 28 9.54 -14.58 23.97
N ARG D 29 9.67 -13.28 23.74
CA ARG D 29 8.76 -12.27 24.31
C ARG D 29 8.34 -11.39 23.15
N GLY D 30 7.05 -11.26 22.89
CA GLY D 30 6.56 -10.38 21.81
C GLY D 30 6.95 -8.92 21.96
N GLU D 31 7.16 -8.47 23.20
CA GLU D 31 7.59 -7.11 23.45
C GLU D 31 9.00 -6.78 22.99
N GLN D 32 9.79 -7.79 22.59
CA GLN D 32 11.13 -7.58 22.10
C GLN D 32 11.21 -7.33 20.61
N ALA D 33 10.07 -7.14 19.94
CA ALA D 33 10.11 -6.67 18.53
C ALA D 33 9.04 -5.60 18.27
N TYR D 34 9.36 -4.63 17.41
CA TYR D 34 8.39 -3.62 16.97
C TYR D 34 8.34 -3.69 15.44
N PRO D 35 7.15 -3.78 14.86
CA PRO D 35 7.01 -3.90 13.41
C PRO D 35 7.11 -2.56 12.69
N GLU D 36 8.32 -2.10 12.45
CA GLU D 36 8.53 -0.70 12.09
C GLU D 36 8.11 -0.35 10.68
N TYR D 37 8.34 -1.25 9.72
CA TYR D 37 8.01 -0.98 8.33
C TYR D 37 7.20 -2.13 7.75
N LEU D 38 6.14 -1.78 7.00
CA LEU D 38 5.32 -2.70 6.25
C LEU D 38 5.62 -2.55 4.78
N ILE D 39 6.13 -3.62 4.15
CA ILE D 39 6.63 -3.60 2.80
C ILE D 39 5.72 -4.43 1.93
N THR D 40 5.18 -3.80 0.88
CA THR D 40 4.29 -4.45 -0.08
C THR D 40 5.05 -4.61 -1.37
N TYR D 41 5.05 -5.83 -1.92
CA TYR D 41 5.95 -6.18 -3.03
C TYR D 41 5.46 -7.38 -3.87
N GLN D 42 6.10 -7.55 -5.02
CA GLN D 42 5.97 -8.75 -5.83
C GLN D 42 7.34 -9.36 -6.00
N ILE D 43 7.42 -10.68 -6.07
CA ILE D 43 8.65 -11.30 -6.55
C ILE D 43 8.68 -11.14 -8.07
N MET D 44 9.86 -11.02 -8.66
CA MET D 44 9.99 -10.81 -10.09
C MET D 44 10.47 -12.08 -10.79
N ARG D 45 9.85 -12.42 -11.92
CA ARG D 45 10.28 -13.58 -12.71
C ARG D 45 11.64 -13.31 -13.35
N PRO D 46 12.64 -14.20 -13.11
CA PRO D 46 13.95 -13.95 -13.71
C PRO D 46 13.87 -13.92 -15.23
N GLU D 47 14.74 -13.15 -15.87
CA GLU D 47 14.91 -13.23 -17.33
C GLU D 47 16.02 -14.22 -17.65
ZN ZN E . -4.85 26.22 3.75
S SO4 F . -5.67 4.00 2.97
S SO4 F . -5.84 3.74 2.77
O1 SO4 F . -4.99 5.07 3.69
O1 SO4 F . -6.37 2.76 1.82
O2 SO4 F . -4.76 2.87 2.75
O2 SO4 F . -5.90 5.09 2.22
O3 SO4 F . -6.79 3.51 3.75
O3 SO4 F . -6.65 3.72 3.97
O4 SO4 F . -6.17 4.46 1.68
O4 SO4 F . -4.43 3.48 3.03
S SO4 G . -18.88 15.48 11.92
O1 SO4 G . -18.39 16.37 10.84
O2 SO4 G . -18.01 14.31 12.09
O3 SO4 G . -18.84 16.15 13.23
O4 SO4 G . -20.20 15.00 11.60
C1 PEG H . -21.10 15.40 -20.77
O1 PEG H . -21.87 14.20 -20.83
C2 PEG H . -20.93 15.93 -22.20
O2 PEG H . -20.81 17.36 -22.19
C3 PEG H . -19.96 17.90 -23.22
C4 PEG H . -20.72 17.98 -24.54
O4 PEG H . -20.04 18.86 -25.44
CAL NGJ I . -3.01 11.00 -8.23
CAI NGJ I . -4.13 9.99 -7.81
CAH NGJ I . -3.89 8.68 -7.37
CAE NGJ I . -4.95 7.86 -7.00
CAD NGJ I . -4.69 6.54 -6.59
NAM NGJ I . -3.39 6.14 -6.51
CAC NGJ I . -5.76 5.69 -6.26
CAB NGJ I . -7.08 6.20 -6.39
CAA NGJ I . -7.34 7.51 -6.79
CAF NGJ I . -6.29 8.34 -7.11
CAG NGJ I . -6.54 9.65 -7.51
OAK NGJ I . -7.67 10.14 -7.58
NAJ NGJ I . -5.47 10.44 -7.87
CAN NGJ I . -3.37 11.85 -9.44
CAN NGJ I . -1.68 10.30 -8.62
C1 GOL J . -11.61 -7.65 4.21
O1 GOL J . -10.67 -7.03 5.01
C2 GOL J . -10.93 -7.82 2.82
O2 GOL J . -11.28 -8.98 2.13
C3 GOL J . -11.32 -6.80 1.79
O3 GOL J . -11.15 -5.46 2.20
ZN ZN K . -1.40 -15.13 -7.21
S SO4 L . 16.90 -22.78 2.64
S SO4 L . 17.18 -22.70 2.65
O1 SO4 L . 16.60 -21.63 3.46
O1 SO4 L . 17.99 -22.45 1.46
O2 SO4 L . 18.09 -22.53 1.84
O2 SO4 L . 15.95 -21.89 2.63
O3 SO4 L . 17.03 -23.92 3.57
O3 SO4 L . 16.80 -24.12 2.68
O4 SO4 L . 15.79 -23.07 1.71
O4 SO4 L . 17.95 -22.43 3.86
C1 PEG M . 8.81 3.93 14.71
O1 PEG M . 9.89 4.53 15.43
C2 PEG M . 7.57 4.81 14.78
O2 PEG M . 6.81 4.49 15.95
C3 PEG M . 6.36 5.66 16.65
C4 PEG M . 5.05 5.36 17.38
O4 PEG M . 4.80 6.42 18.31
CAL NGJ N . 7.09 -17.81 10.45
CAI NGJ N . 8.56 -17.35 10.15
CAH NGJ N . 9.64 -18.25 10.35
CAE NGJ N . 10.96 -17.86 10.09
CAD NGJ N . 12.06 -18.75 10.30
NAM NGJ N . 11.92 -20.02 10.72
CAC NGJ N . 13.37 -18.31 10.05
CAB NGJ N . 13.56 -16.99 9.61
CAA NGJ N . 12.49 -16.14 9.39
CAF NGJ N . 11.19 -16.54 9.63
CAG NGJ N . 10.13 -15.62 9.40
OAK NGJ N . 10.29 -14.47 8.99
NAJ NGJ N . 8.81 -16.03 9.69
CAN NGJ N . 5.95 -16.81 10.24
CAN NGJ N . 7.00 -19.13 11.20
S SO4 O . 16.60 -11.04 -13.11
O1 SO4 O . 17.53 -9.94 -12.94
O2 SO4 O . 17.23 -12.27 -12.63
O3 SO4 O . 15.36 -10.73 -12.37
O4 SO4 O . 16.30 -11.26 -14.53
#